data_7W1R
#
_entry.id   7W1R
#
_cell.length_a   92.409
_cell.length_b   92.409
_cell.length_c   88.057
_cell.angle_alpha   90.000
_cell.angle_beta   90.000
_cell.angle_gamma   120.000
#
_symmetry.space_group_name_H-M   'P 32'
#
_entity_poly.entity_id   1
_entity_poly.type   'polypeptide(L)'
_entity_poly.pdbx_seq_one_letter_code
;SSSASGGSKIPNTSLFVPLTVKPQGPSADGDVGAELTRPLDKNEVKKVLDKFYKRKEIQKLGADYGLDARLFHQAFISFR
NYIMQSHSLDVDIHIVLNDICFGAAHADDLFPFFLRHAKQIFPVLDCKDDLRKISDLRIPPNWYPDARAMQRKIIFHSGP
TNSGKTYHAIQKYFSAKSGVYCGPLKLLAHEIFEKSNAAGVPCDLVTGEERVTVQPNGKQASHVSCTVEMCSVTTPYEVA
VIDEIQMIRDPARGWAWTRALLGLCAEEVHLCGEPAAIDLVMELMYTTGEEVEVRDYKRLTPISVLDHALESLDNLRPGD
CIVCFSKNDIYSVSRQIEIRGLESAVIYGSLPPGTKLAQAKKFNDPNDPCKILVATDAIGMGLNLSIRRIIFYSLIKPSI
NEKGERELEPITTSQALQIAGRAGRFSSRFKEGEVTTMNHEDLSLLKEILKRPVDPIRAAGLHPTAEQIEMFAYHLPDAT
LSNLIDIFVDFSQVDGQYFVCNMDDFKFSAELIQHIPLSLRVRYVFCTAPINKKQPFVCSSLLQFARQYSRNEPLTFAWL
RRYIKWPLLPPKNIKDLMDLEAVHDVLDLYLWLSYRFMDMFPDASLIRDLQKELDGIIQDGVHNITKLIKMSETHKLLNL
EGFPSGSQSRLSGTLKSQARRTRGTKALGSKATE
;
_entity_poly.pdbx_strand_id   A
#
# COMPACT_ATOMS: atom_id res chain seq x y z
N PRO A 11 2.09 -19.58 -15.25
CA PRO A 11 1.25 -18.84 -16.21
C PRO A 11 -0.17 -19.39 -16.25
N ASN A 12 -0.96 -19.12 -15.19
CA ASN A 12 -2.35 -19.52 -15.13
C ASN A 12 -3.15 -18.70 -16.14
N THR A 13 -3.64 -19.39 -17.18
CA THR A 13 -4.07 -18.75 -18.42
C THR A 13 -5.39 -18.00 -18.21
N SER A 14 -6.05 -18.29 -17.07
CA SER A 14 -7.25 -17.61 -16.61
C SER A 14 -7.02 -16.09 -16.68
N LEU A 15 -5.75 -15.68 -16.64
CA LEU A 15 -5.33 -14.29 -16.62
C LEU A 15 -5.34 -13.71 -18.03
N PHE A 16 -5.09 -14.55 -19.04
CA PHE A 16 -4.92 -14.02 -20.39
C PHE A 16 -6.28 -13.90 -21.07
N VAL A 17 -6.74 -12.66 -21.21
CA VAL A 17 -8.00 -12.41 -21.89
C VAL A 17 -7.69 -12.37 -23.39
N PRO A 18 -8.43 -13.13 -24.23
CA PRO A 18 -8.22 -13.14 -25.69
C PRO A 18 -8.60 -11.83 -26.38
N LEU A 19 -7.72 -11.41 -27.31
CA LEU A 19 -7.95 -10.23 -28.11
C LEU A 19 -8.80 -10.61 -29.32
N THR A 20 -9.86 -9.83 -29.57
CA THR A 20 -10.86 -10.12 -30.58
C THR A 20 -10.33 -9.79 -31.97
N VAL A 21 -9.71 -10.79 -32.62
CA VAL A 21 -9.21 -10.70 -33.99
C VAL A 21 -10.34 -11.05 -34.96
N LYS A 22 -11.14 -10.04 -35.32
CA LYS A 22 -12.31 -10.20 -36.16
C LYS A 22 -11.87 -10.44 -37.61
N PRO A 23 -12.63 -11.24 -38.40
CA PRO A 23 -12.27 -11.54 -39.79
C PRO A 23 -12.08 -10.33 -40.71
N LYS A 46 -13.75 -25.85 -43.34
CA LYS A 46 -14.83 -26.24 -42.38
C LYS A 46 -14.73 -27.75 -42.13
N LYS A 47 -14.27 -28.47 -43.15
CA LYS A 47 -14.17 -29.92 -43.10
C LYS A 47 -12.97 -30.32 -42.26
N VAL A 48 -11.78 -29.91 -42.73
CA VAL A 48 -10.51 -30.31 -42.14
C VAL A 48 -10.26 -29.52 -40.86
N LEU A 49 -10.85 -28.32 -40.77
CA LEU A 49 -10.72 -27.46 -39.60
C LEU A 49 -11.19 -28.23 -38.36
N ASP A 50 -12.29 -28.99 -38.50
CA ASP A 50 -12.85 -29.82 -37.44
C ASP A 50 -11.90 -30.98 -37.10
N LYS A 51 -11.25 -31.55 -38.12
CA LYS A 51 -10.39 -32.71 -37.97
C LYS A 51 -9.04 -32.29 -37.37
N PHE A 52 -8.54 -31.12 -37.83
CA PHE A 52 -7.29 -30.52 -37.39
C PHE A 52 -7.32 -30.28 -35.89
N TYR A 53 -8.50 -29.89 -35.39
CA TYR A 53 -8.70 -29.58 -33.99
C TYR A 53 -8.72 -30.86 -33.17
N LYS A 54 -9.35 -31.91 -33.73
CA LYS A 54 -9.55 -33.16 -33.01
C LYS A 54 -8.22 -33.90 -32.90
N ARG A 55 -7.40 -33.78 -33.96
CA ARG A 55 -6.12 -34.45 -34.13
C ARG A 55 -5.20 -34.19 -32.93
N LYS A 56 -4.90 -35.25 -32.17
CA LYS A 56 -4.10 -35.18 -30.96
C LYS A 56 -2.65 -34.79 -31.27
N GLU A 57 -2.31 -34.78 -32.57
CA GLU A 57 -1.01 -34.35 -33.04
C GLU A 57 -0.91 -32.83 -32.96
N ILE A 58 -1.92 -32.16 -33.53
CA ILE A 58 -2.06 -30.71 -33.50
C ILE A 58 -2.26 -30.25 -32.06
N GLN A 59 -3.10 -30.99 -31.31
CA GLN A 59 -3.41 -30.68 -29.92
C GLN A 59 -2.14 -30.67 -29.08
N LYS A 60 -1.20 -31.58 -29.39
CA LYS A 60 0.04 -31.67 -28.64
C LYS A 60 1.02 -30.60 -29.11
N LEU A 61 1.10 -30.39 -30.42
CA LEU A 61 2.02 -29.41 -30.99
C LEU A 61 1.65 -28.01 -30.52
N GLY A 62 0.35 -27.77 -30.34
CA GLY A 62 -0.15 -26.53 -29.76
C GLY A 62 0.36 -26.34 -28.32
N ALA A 63 0.19 -27.38 -27.50
CA ALA A 63 0.56 -27.39 -26.09
C ALA A 63 2.06 -27.22 -25.91
N ASP A 64 2.84 -27.58 -26.94
CA ASP A 64 4.29 -27.49 -26.91
C ASP A 64 4.71 -26.03 -26.84
N TYR A 65 3.95 -25.16 -27.53
CA TYR A 65 4.28 -23.74 -27.65
C TYR A 65 3.65 -22.92 -26.52
N GLY A 66 2.78 -23.54 -25.73
CA GLY A 66 2.26 -22.92 -24.52
C GLY A 66 0.73 -22.99 -24.44
N LEU A 67 0.10 -23.48 -25.52
CA LEU A 67 -1.36 -23.53 -25.61
C LEU A 67 -1.90 -24.68 -24.77
N ASP A 68 -2.48 -24.36 -23.61
CA ASP A 68 -3.16 -25.35 -22.78
C ASP A 68 -4.59 -25.57 -23.29
N ALA A 69 -5.37 -26.29 -22.47
CA ALA A 69 -6.71 -26.72 -22.82
C ALA A 69 -7.55 -25.54 -23.27
N ARG A 70 -7.60 -24.49 -22.44
CA ARG A 70 -8.48 -23.36 -22.70
C ARG A 70 -7.92 -22.48 -23.82
N LEU A 71 -6.58 -22.44 -23.92
CA LEU A 71 -5.89 -21.57 -24.86
C LEU A 71 -6.00 -22.13 -26.28
N PHE A 72 -5.69 -23.42 -26.42
CA PHE A 72 -5.77 -24.09 -27.71
C PHE A 72 -7.19 -23.98 -28.26
N HIS A 73 -8.18 -24.11 -27.37
CA HIS A 73 -9.58 -24.01 -27.75
C HIS A 73 -9.88 -22.64 -28.33
N GLN A 74 -9.84 -21.63 -27.46
CA GLN A 74 -10.25 -20.26 -27.78
C GLN A 74 -9.57 -19.80 -29.06
N ALA A 75 -8.32 -20.27 -29.23
CA ALA A 75 -7.49 -19.97 -30.38
C ALA A 75 -8.09 -20.59 -31.64
N PHE A 76 -8.47 -21.87 -31.56
CA PHE A 76 -9.04 -22.59 -32.70
C PHE A 76 -10.40 -21.99 -33.08
N ILE A 77 -11.25 -21.71 -32.08
CA ILE A 77 -12.63 -21.32 -32.32
C ILE A 77 -12.68 -19.98 -33.04
N SER A 78 -11.71 -19.11 -32.72
CA SER A 78 -11.58 -17.82 -33.40
C SER A 78 -10.76 -17.97 -34.68
N PHE A 79 -9.94 -19.03 -34.78
CA PHE A 79 -9.25 -19.34 -36.02
C PHE A 79 -10.21 -19.86 -37.08
N ARG A 80 -11.23 -20.62 -36.62
CA ARG A 80 -12.28 -21.16 -37.47
C ARG A 80 -13.23 -20.04 -37.88
N ASN A 81 -13.60 -19.20 -36.91
CA ASN A 81 -14.53 -18.10 -37.12
C ASN A 81 -13.87 -17.03 -37.99
N TYR A 82 -12.53 -17.01 -37.99
CA TYR A 82 -11.78 -16.02 -38.75
C TYR A 82 -11.73 -16.43 -40.23
N ILE A 83 -11.33 -17.68 -40.47
CA ILE A 83 -11.20 -18.23 -41.81
C ILE A 83 -12.54 -18.14 -42.54
N MET A 84 -13.61 -18.64 -41.90
CA MET A 84 -14.88 -18.87 -42.58
C MET A 84 -15.66 -17.57 -42.79
N GLN A 85 -15.66 -16.67 -41.78
CA GLN A 85 -16.47 -15.47 -41.83
C GLN A 85 -15.74 -14.35 -42.59
N SER A 86 -14.57 -14.68 -43.15
CA SER A 86 -13.80 -13.73 -43.94
C SER A 86 -13.68 -14.23 -45.38
N ASP A 92 -2.57 -14.89 -49.50
CA ASP A 92 -1.75 -15.13 -48.28
C ASP A 92 -1.87 -16.60 -47.87
N ILE A 93 -2.84 -16.87 -46.99
CA ILE A 93 -3.11 -18.22 -46.52
C ILE A 93 -3.89 -18.97 -47.59
N HIS A 94 -4.57 -18.21 -48.46
CA HIS A 94 -5.46 -18.74 -49.48
C HIS A 94 -4.78 -19.85 -50.29
N ILE A 95 -3.45 -19.75 -50.45
CA ILE A 95 -2.68 -20.70 -51.23
C ILE A 95 -2.78 -22.09 -50.59
N VAL A 96 -2.48 -22.17 -49.29
CA VAL A 96 -2.51 -23.42 -48.56
C VAL A 96 -3.95 -23.82 -48.29
N LEU A 97 -4.84 -22.82 -48.26
CA LEU A 97 -6.27 -23.06 -48.08
C LEU A 97 -6.82 -23.82 -49.28
N ASN A 98 -6.45 -23.39 -50.49
CA ASN A 98 -6.90 -24.01 -51.73
C ASN A 98 -6.29 -25.39 -51.90
N ASP A 99 -5.10 -25.62 -51.31
CA ASP A 99 -4.26 -26.77 -51.61
C ASP A 99 -4.53 -27.95 -50.68
N ILE A 100 -5.22 -27.70 -49.56
CA ILE A 100 -5.61 -28.79 -48.66
C ILE A 100 -7.03 -29.23 -49.01
N CYS A 101 -7.78 -28.35 -49.67
CA CYS A 101 -9.14 -28.63 -50.13
C CYS A 101 -9.12 -29.80 -51.12
N PHE A 102 -8.17 -29.74 -52.07
CA PHE A 102 -8.11 -30.69 -53.17
C PHE A 102 -6.99 -31.70 -52.92
N GLY A 103 -6.87 -32.17 -51.67
CA GLY A 103 -5.85 -33.14 -51.27
C GLY A 103 -4.45 -32.56 -51.30
N HIS A 106 -0.09 -32.38 -46.63
CA HIS A 106 -0.69 -32.83 -45.35
C HIS A 106 -1.60 -31.75 -44.78
N ALA A 107 -2.18 -31.99 -43.60
CA ALA A 107 -3.10 -31.06 -42.98
C ALA A 107 -2.51 -30.48 -41.70
N ASP A 108 -1.43 -31.09 -41.21
CA ASP A 108 -0.66 -30.55 -40.09
C ASP A 108 0.06 -29.27 -40.57
N PHE A 111 -0.67 -25.72 -39.39
CA PHE A 111 -0.44 -25.41 -37.95
C PHE A 111 0.14 -24.00 -37.78
N PRO A 112 1.23 -23.60 -38.48
CA PRO A 112 1.80 -22.26 -38.32
C PRO A 112 0.88 -21.08 -38.60
N PHE A 113 -0.11 -21.27 -39.48
CA PHE A 113 -1.09 -20.21 -39.75
C PHE A 113 -2.02 -20.06 -38.55
N PHE A 114 -2.33 -21.19 -37.90
CA PHE A 114 -3.08 -21.28 -36.67
C PHE A 114 -2.37 -20.49 -35.57
N LEU A 115 -1.07 -20.71 -35.45
CA LEU A 115 -0.24 -20.16 -34.38
C LEU A 115 -0.01 -18.67 -34.61
N ARG A 116 -0.09 -18.20 -35.86
CA ARG A 116 0.04 -16.78 -36.14
C ARG A 116 -1.19 -16.07 -35.60
N HIS A 117 -2.36 -16.70 -35.81
CA HIS A 117 -3.64 -16.23 -35.30
C HIS A 117 -3.65 -16.32 -33.77
N ALA A 118 -3.32 -17.50 -33.23
CA ALA A 118 -3.29 -17.76 -31.81
C ALA A 118 -2.45 -16.74 -31.04
N LYS A 119 -1.46 -16.14 -31.72
CA LYS A 119 -0.50 -15.28 -31.04
C LYS A 119 -0.91 -13.82 -31.19
N GLN A 120 -1.86 -13.55 -32.10
CA GLN A 120 -2.44 -12.23 -32.17
C GLN A 120 -3.72 -12.22 -31.32
N ILE A 121 -4.17 -13.41 -30.94
CA ILE A 121 -5.17 -13.60 -29.91
C ILE A 121 -4.51 -13.26 -28.57
N PHE A 122 -3.51 -14.08 -28.20
CA PHE A 122 -2.80 -13.94 -26.95
C PHE A 122 -1.36 -13.52 -27.26
N PRO A 123 -0.97 -12.26 -26.97
CA PRO A 123 0.40 -11.79 -27.22
C PRO A 123 1.38 -12.27 -26.15
N VAL A 124 0.84 -12.78 -25.04
CA VAL A 124 1.60 -13.40 -23.98
C VAL A 124 2.63 -14.36 -24.59
N LEU A 125 2.12 -15.34 -25.34
CA LEU A 125 2.86 -16.48 -25.84
C LEU A 125 4.10 -15.99 -26.59
N ASP A 126 3.96 -14.81 -27.20
CA ASP A 126 4.96 -14.27 -28.10
C ASP A 126 6.16 -13.75 -27.32
N CYS A 127 6.04 -13.64 -25.98
CA CYS A 127 7.00 -12.89 -25.17
C CYS A 127 7.02 -13.38 -23.72
N LYS A 128 6.59 -14.63 -23.52
CA LYS A 128 6.61 -15.32 -22.23
C LYS A 128 7.99 -15.15 -21.61
N ASP A 129 9.02 -15.58 -22.36
CA ASP A 129 10.40 -15.54 -21.94
C ASP A 129 10.83 -14.12 -21.58
N ASP A 130 10.30 -13.15 -22.33
CA ASP A 130 10.66 -11.75 -22.14
C ASP A 130 10.04 -11.23 -20.85
N LEU A 131 8.79 -11.66 -20.57
CA LEU A 131 8.09 -11.16 -19.39
C LEU A 131 8.73 -11.69 -18.11
N ARG A 132 9.10 -12.98 -18.08
CA ARG A 132 9.73 -13.60 -16.92
C ARG A 132 10.89 -12.75 -16.42
N LYS A 133 11.76 -12.28 -17.32
CA LYS A 133 12.98 -11.60 -16.93
C LYS A 133 12.64 -10.24 -16.30
N ILE A 134 11.61 -9.59 -16.84
CA ILE A 134 11.22 -8.26 -16.39
C ILE A 134 10.63 -8.34 -14.97
N SER A 135 10.06 -9.50 -14.63
CA SER A 135 9.46 -9.71 -13.32
C SER A 135 10.33 -10.58 -12.41
N ASP A 136 11.61 -10.78 -12.77
CA ASP A 136 12.56 -11.48 -11.91
C ASP A 136 13.02 -10.56 -10.79
N LEU A 137 12.59 -10.86 -9.57
CA LEU A 137 12.84 -10.02 -8.41
C LEU A 137 13.81 -10.73 -7.48
N ARG A 138 14.89 -11.27 -8.05
CA ARG A 138 15.81 -12.09 -7.28
C ARG A 138 17.00 -11.26 -6.82
N ILE A 139 17.65 -11.73 -5.75
CA ILE A 139 18.74 -11.00 -5.14
C ILE A 139 18.31 -9.54 -5.10
N PRO A 140 17.21 -9.19 -4.39
CA PRO A 140 16.82 -7.79 -4.23
C PRO A 140 17.96 -6.84 -3.85
N PRO A 141 18.94 -7.25 -3.00
CA PRO A 141 19.97 -6.31 -2.54
C PRO A 141 20.80 -5.72 -3.67
N ASN A 142 20.60 -6.23 -4.89
CA ASN A 142 21.23 -5.66 -6.07
C ASN A 142 20.60 -4.30 -6.39
N TRP A 143 19.27 -4.21 -6.32
CA TRP A 143 18.51 -3.05 -6.79
C TRP A 143 18.94 -1.75 -6.10
N TYR A 144 19.62 -1.86 -4.97
CA TYR A 144 20.19 -0.67 -4.36
C TYR A 144 21.70 -0.89 -4.24
N PRO A 145 22.48 -0.39 -5.23
CA PRO A 145 23.90 -0.69 -5.32
C PRO A 145 24.74 0.16 -4.38
N ASP A 146 24.20 1.31 -3.93
CA ASP A 146 24.97 2.19 -3.05
C ASP A 146 25.05 1.58 -1.64
N ALA A 147 23.98 0.87 -1.26
CA ALA A 147 23.98 0.11 -0.02
C ALA A 147 25.02 -0.99 -0.09
N ARG A 148 25.32 -1.46 -1.32
CA ARG A 148 26.31 -2.49 -1.52
C ARG A 148 27.70 -1.85 -1.57
N ALA A 149 27.76 -0.61 -2.07
CA ALA A 149 28.97 0.16 -2.29
C ALA A 149 29.57 0.56 -0.94
N MET A 150 28.75 0.41 0.11
CA MET A 150 29.02 0.96 1.42
C MET A 150 29.29 -0.14 2.45
N GLN A 151 29.99 0.26 3.51
CA GLN A 151 30.06 -0.51 4.74
C GLN A 151 28.88 -0.14 5.62
N ARG A 152 28.02 -1.13 5.89
CA ARG A 152 26.82 -0.89 6.68
C ARG A 152 26.81 -1.83 7.88
N LYS A 153 26.51 -1.29 9.05
CA LYS A 153 26.35 -2.09 10.25
C LYS A 153 24.89 -2.09 10.69
N ILE A 154 24.32 -3.30 10.74
CA ILE A 154 22.92 -3.47 11.06
C ILE A 154 22.80 -3.85 12.54
N ILE A 155 21.99 -3.07 13.26
CA ILE A 155 21.76 -3.28 14.68
C ILE A 155 20.24 -3.35 14.95
N PHE A 156 19.82 -4.38 15.70
CA PHE A 156 18.43 -4.76 15.86
C PHE A 156 18.00 -4.72 17.32
N HIS A 157 17.31 -3.63 17.72
CA HIS A 157 16.79 -3.51 19.08
C HIS A 157 15.54 -4.37 19.25
N SER A 158 15.75 -5.67 19.53
CA SER A 158 14.66 -6.61 19.74
C SER A 158 13.85 -6.23 20.97
N GLY A 159 12.71 -6.92 21.17
CA GLY A 159 11.91 -6.78 22.37
C GLY A 159 10.45 -6.42 22.08
N PRO A 160 9.47 -7.05 22.78
CA PRO A 160 8.05 -6.76 22.58
C PRO A 160 7.57 -5.60 23.46
N THR A 166 13.85 1.27 21.27
CA THR A 166 13.12 2.53 21.00
C THR A 166 14.05 3.72 21.20
N TYR A 167 13.96 4.37 22.37
CA TYR A 167 14.51 5.69 22.60
C TYR A 167 16.04 5.69 22.64
N HIS A 168 16.64 4.49 22.50
CA HIS A 168 18.09 4.41 22.35
C HIS A 168 18.48 4.81 20.93
N ALA A 169 17.86 4.14 19.95
CA ALA A 169 18.05 4.44 18.55
C ALA A 169 17.69 5.91 18.31
N ILE A 170 16.56 6.34 18.87
CA ILE A 170 16.08 7.71 18.77
C ILE A 170 17.21 8.66 19.20
N GLN A 171 17.93 8.28 20.26
CA GLN A 171 19.01 9.10 20.80
C GLN A 171 20.21 9.04 19.87
N LYS A 172 20.47 7.85 19.31
CA LYS A 172 21.70 7.58 18.60
C LYS A 172 21.78 8.37 17.29
N TYR A 173 20.62 8.82 16.78
CA TYR A 173 20.62 9.56 15.52
C TYR A 173 20.44 11.06 15.77
N PHE A 174 19.92 11.42 16.93
CA PHE A 174 19.87 12.82 17.35
C PHE A 174 21.30 13.32 17.41
N SER A 175 22.15 12.50 18.04
CA SER A 175 23.58 12.71 18.20
C SER A 175 24.31 12.59 16.87
N ALA A 176 23.85 11.66 16.02
CA ALA A 176 24.43 11.43 14.70
C ALA A 176 24.50 12.71 13.89
N LYS A 177 25.58 12.85 13.12
CA LYS A 177 25.87 14.05 12.34
C LYS A 177 24.84 14.18 11.22
N SER A 178 24.48 13.04 10.61
CA SER A 178 23.49 12.93 9.55
C SER A 178 22.67 11.67 9.80
N GLY A 179 21.35 11.83 9.93
CA GLY A 179 20.51 10.70 10.29
C GLY A 179 19.15 10.73 9.58
N VAL A 180 18.34 9.69 9.84
CA VAL A 180 17.02 9.53 9.24
C VAL A 180 16.16 8.64 10.14
N TYR A 181 14.88 9.03 10.27
CA TYR A 181 13.88 8.17 10.87
C TYR A 181 12.97 7.60 9.78
N CYS A 182 12.56 6.34 9.92
CA CYS A 182 11.66 5.67 9.00
C CYS A 182 10.43 5.16 9.75
N GLY A 183 9.36 5.96 9.70
CA GLY A 183 8.18 5.71 10.54
C GLY A 183 7.10 4.87 9.87
N PRO A 184 6.44 3.95 10.62
CA PRO A 184 5.30 3.18 10.11
C PRO A 184 4.01 3.95 9.84
N LEU A 185 3.58 4.79 10.81
CA LEU A 185 2.35 5.57 10.64
C LEU A 185 2.69 7.01 10.29
N LYS A 186 1.65 7.81 10.06
CA LYS A 186 1.79 9.21 9.71
C LYS A 186 1.66 10.06 10.97
N LEU A 187 2.25 9.56 12.07
CA LEU A 187 2.24 10.21 13.37
C LEU A 187 3.66 10.20 13.93
N LEU A 188 4.16 8.97 14.18
CA LEU A 188 5.50 8.72 14.69
C LEU A 188 6.54 9.51 13.88
N ALA A 189 6.18 9.87 12.64
CA ALA A 189 7.01 10.72 11.81
C ALA A 189 6.99 12.15 12.31
N HIS A 190 5.80 12.61 12.75
CA HIS A 190 5.61 13.97 13.24
C HIS A 190 6.19 14.09 14.65
N GLU A 191 6.06 13.01 15.43
CA GLU A 191 6.57 12.94 16.79
C GLU A 191 8.05 13.29 16.79
N ILE A 192 8.81 12.66 15.88
CA ILE A 192 10.26 12.82 15.81
C ILE A 192 10.59 14.12 15.09
N PHE A 193 9.67 14.61 14.27
CA PHE A 193 9.88 15.88 13.59
C PHE A 193 9.82 17.03 14.60
N GLU A 194 8.99 16.87 15.64
CA GLU A 194 8.74 17.89 16.65
C GLU A 194 9.83 17.86 17.71
N LYS A 195 10.30 16.64 18.03
CA LYS A 195 11.26 16.39 19.10
C LYS A 195 12.63 16.91 18.70
N SER A 196 13.19 16.32 17.64
CA SER A 196 14.53 16.56 17.16
C SER A 196 14.80 18.04 16.93
N ASN A 197 13.98 18.69 16.09
CA ASN A 197 14.25 20.06 15.67
C ASN A 197 14.21 21.00 16.88
N ALA A 198 13.45 20.60 17.91
CA ALA A 198 13.31 21.37 19.14
C ALA A 198 14.47 21.09 20.08
N ALA A 199 14.77 19.79 20.30
CA ALA A 199 15.83 19.36 21.20
C ALA A 199 17.20 19.81 20.69
N GLY A 200 17.21 20.46 19.50
CA GLY A 200 18.35 21.21 19.04
C GLY A 200 19.12 20.52 17.92
N VAL A 201 18.42 19.65 17.18
CA VAL A 201 18.96 19.00 15.99
C VAL A 201 17.90 19.07 14.87
N PRO A 202 18.01 20.05 13.94
CA PRO A 202 16.95 20.34 12.97
C PRO A 202 16.48 19.11 12.20
N CYS A 203 15.15 18.97 12.08
CA CYS A 203 14.53 17.83 11.42
C CYS A 203 13.60 18.33 10.32
N ASP A 204 13.80 17.81 9.10
CA ASP A 204 12.89 17.99 7.99
C ASP A 204 11.83 16.90 8.05
N LEU A 205 10.71 17.12 7.36
CA LEU A 205 9.63 16.14 7.31
C LEU A 205 9.39 15.76 5.85
N VAL A 206 9.40 14.44 5.59
CA VAL A 206 8.99 13.92 4.30
C VAL A 206 7.97 12.81 4.55
N THR A 207 6.68 13.19 4.61
CA THR A 207 5.59 12.22 4.49
C THR A 207 5.06 12.23 3.07
N GLY A 208 4.11 11.33 2.81
CA GLY A 208 3.40 11.31 1.55
C GLY A 208 2.66 12.63 1.32
N GLU A 209 2.11 13.20 2.40
CA GLU A 209 1.14 14.28 2.32
C GLU A 209 1.73 15.61 2.78
N GLU A 210 2.90 15.58 3.44
CA GLU A 210 3.60 16.80 3.81
C GLU A 210 5.09 16.68 3.46
N ARG A 211 5.70 17.79 3.02
CA ARG A 211 7.13 17.86 2.83
C ARG A 211 7.63 19.24 3.22
N VAL A 212 8.32 19.32 4.38
CA VAL A 212 8.66 20.60 5.01
C VAL A 212 10.16 20.73 5.18
N THR A 213 10.69 21.92 4.84
CA THR A 213 12.07 22.29 5.07
C THR A 213 12.12 23.38 6.14
N VAL A 214 12.80 23.08 7.26
CA VAL A 214 12.91 23.99 8.38
C VAL A 214 13.94 25.07 8.08
N GLN A 215 14.99 24.68 7.34
CA GLN A 215 16.14 25.53 7.06
C GLN A 215 15.75 26.67 6.11
N PRO A 216 15.86 27.94 6.57
CA PRO A 216 15.42 29.10 5.78
C PRO A 216 16.15 29.32 4.45
N ASN A 217 17.12 28.45 4.15
CA ASN A 217 17.78 28.46 2.85
C ASN A 217 16.82 27.95 1.79
N GLN A 220 18.32 22.10 1.74
CA GLN A 220 18.27 20.69 2.20
C GLN A 220 19.00 20.57 3.54
N ALA A 221 18.23 20.30 4.61
CA ALA A 221 18.74 20.08 5.95
C ALA A 221 19.29 18.66 6.10
N SER A 222 20.01 18.40 7.21
CA SER A 222 20.88 17.24 7.35
C SER A 222 20.23 16.16 8.21
N HIS A 223 18.92 16.29 8.46
CA HIS A 223 18.20 15.30 9.25
C HIS A 223 16.72 15.34 8.87
N VAL A 224 16.08 14.17 8.82
CA VAL A 224 14.73 14.03 8.30
C VAL A 224 14.00 12.87 8.96
N SER A 225 12.75 13.12 9.38
CA SER A 225 11.83 12.06 9.72
C SER A 225 10.88 11.85 8.54
N CYS A 226 10.49 10.58 8.35
CA CYS A 226 9.77 10.18 7.14
C CYS A 226 8.94 8.91 7.39
N THR A 227 7.96 8.70 6.51
CA THR A 227 7.36 7.39 6.40
C THR A 227 8.29 6.52 5.57
N VAL A 228 8.34 5.23 5.94
CA VAL A 228 9.28 4.25 5.41
C VAL A 228 9.21 4.24 3.89
N GLU A 229 8.07 4.70 3.33
CA GLU A 229 7.92 4.74 1.88
C GLU A 229 8.79 5.84 1.30
N MET A 230 8.90 6.95 2.03
CA MET A 230 9.46 8.17 1.47
C MET A 230 10.97 8.25 1.67
N CYS A 231 11.54 7.36 2.49
CA CYS A 231 12.95 7.33 2.83
C CYS A 231 13.77 7.18 1.57
N SER A 232 14.78 8.05 1.40
CA SER A 232 15.68 7.98 0.26
C SER A 232 16.45 6.66 0.27
N VAL A 233 17.21 6.42 -0.81
CA VAL A 233 18.06 5.24 -0.96
C VAL A 233 19.36 5.67 -1.63
N THR A 234 19.50 6.98 -1.84
CA THR A 234 20.64 7.54 -2.56
C THR A 234 21.35 8.58 -1.69
N THR A 235 20.63 9.15 -0.72
CA THR A 235 21.19 10.17 0.17
C THR A 235 22.07 9.49 1.23
N PRO A 236 23.36 9.89 1.34
CA PRO A 236 24.27 9.31 2.34
C PRO A 236 23.93 9.79 3.74
N TYR A 237 23.60 8.84 4.61
CA TYR A 237 23.32 9.09 6.02
C TYR A 237 24.39 8.42 6.88
N GLU A 238 24.33 8.69 8.18
CA GLU A 238 25.26 8.15 9.16
C GLU A 238 24.55 7.11 10.03
N VAL A 239 23.37 7.47 10.56
CA VAL A 239 22.56 6.55 11.35
C VAL A 239 21.12 6.64 10.86
N ALA A 240 20.45 5.47 10.79
CA ALA A 240 19.08 5.34 10.32
C ALA A 240 18.26 4.47 11.28
N VAL A 241 17.07 4.96 11.62
CA VAL A 241 16.17 4.21 12.49
C VAL A 241 14.97 3.76 11.67
N ILE A 242 14.86 2.45 11.47
CA ILE A 242 13.71 1.82 10.85
C ILE A 242 12.83 1.26 11.96
N ASP A 243 11.85 2.07 12.36
CA ASP A 243 10.96 1.67 13.44
C ASP A 243 10.00 0.60 12.92
N GLU A 244 9.61 -0.32 13.81
CA GLU A 244 8.57 -1.31 13.54
C GLU A 244 8.92 -2.11 12.30
N ILE A 245 10.02 -2.86 12.36
CA ILE A 245 10.42 -3.67 11.22
C ILE A 245 9.67 -5.01 11.28
N GLN A 246 8.42 -5.00 10.82
CA GLN A 246 7.61 -6.18 10.58
C GLN A 246 6.33 -5.78 9.83
N ILE A 248 7.45 -5.21 7.06
CA ILE A 248 8.27 -6.16 6.25
C ILE A 248 7.48 -7.46 6.10
N ARG A 249 6.53 -7.68 7.03
CA ARG A 249 5.71 -8.88 6.92
C ARG A 249 4.31 -8.46 6.49
N ASP A 250 4.06 -7.14 6.48
CA ASP A 250 2.72 -6.70 6.13
C ASP A 250 2.42 -7.15 4.71
N PRO A 251 1.33 -7.90 4.48
CA PRO A 251 1.02 -8.44 3.15
C PRO A 251 0.82 -7.37 2.06
N ALA A 252 0.83 -6.09 2.44
CA ALA A 252 0.57 -5.02 1.49
C ALA A 252 1.59 -3.89 1.61
N ARG A 253 2.35 -3.86 2.72
CA ARG A 253 3.21 -2.72 3.01
C ARG A 253 4.64 -3.18 3.28
N GLY A 254 4.84 -4.49 3.42
CA GLY A 254 6.15 -5.06 3.67
C GLY A 254 7.23 -4.52 2.72
N TRP A 255 6.82 -4.24 1.48
CA TRP A 255 7.73 -3.82 0.44
C TRP A 255 8.58 -2.62 0.88
N ALA A 256 7.96 -1.64 1.53
CA ALA A 256 8.66 -0.39 1.81
C ALA A 256 9.66 -0.57 2.94
N TRP A 257 9.40 -1.58 3.78
CA TRP A 257 10.32 -1.91 4.85
C TRP A 257 11.55 -2.59 4.28
N THR A 258 11.33 -3.66 3.51
CA THR A 258 12.41 -4.35 2.82
C THR A 258 13.27 -3.31 2.10
N ARG A 259 12.61 -2.39 1.41
CA ARG A 259 13.30 -1.34 0.66
C ARG A 259 14.24 -0.60 1.62
N ALA A 260 13.69 -0.12 2.73
CA ALA A 260 14.45 0.69 3.67
C ALA A 260 15.61 -0.12 4.23
N LEU A 261 15.34 -1.40 4.54
CA LEU A 261 16.32 -2.26 5.18
C LEU A 261 17.52 -2.45 4.27
N LEU A 262 17.27 -2.55 2.95
CA LEU A 262 18.27 -2.98 2.00
C LEU A 262 18.90 -1.82 1.24
N GLY A 263 18.45 -0.58 1.51
CA GLY A 263 18.68 0.50 0.55
C GLY A 263 19.14 1.80 1.20
N LEU A 264 18.96 1.92 2.51
CA LEU A 264 19.32 3.14 3.19
C LEU A 264 20.84 3.31 3.18
N CYS A 265 21.31 4.45 2.66
CA CYS A 265 22.74 4.71 2.63
C CYS A 265 23.15 5.29 3.98
N ALA A 266 23.20 4.41 4.98
CA ALA A 266 23.58 4.76 6.34
C ALA A 266 24.94 4.15 6.61
N GLU A 267 25.38 4.23 7.89
CA GLU A 267 26.58 3.56 8.36
C GLU A 267 26.20 2.69 9.55
N GLU A 268 25.19 3.13 10.31
CA GLU A 268 24.53 2.28 11.29
C GLU A 268 23.04 2.21 10.97
N VAL A 269 22.51 0.99 10.98
CA VAL A 269 21.13 0.72 10.61
C VAL A 269 20.43 0.19 11.86
N HIS A 270 19.59 1.01 12.48
CA HIS A 270 18.92 0.65 13.71
C HIS A 270 17.50 0.16 13.45
N LEU A 271 17.23 -1.10 13.81
CA LEU A 271 15.89 -1.68 13.74
C LEU A 271 15.28 -1.72 15.13
N CYS A 272 13.93 -1.65 15.19
CA CYS A 272 13.18 -1.76 16.43
C CYS A 272 11.87 -2.50 16.17
N GLY A 273 11.78 -3.75 16.63
CA GLY A 273 10.64 -4.60 16.30
C GLY A 273 10.71 -5.97 16.98
N GLU A 274 9.56 -6.67 17.00
CA GLU A 274 9.35 -7.85 17.83
C GLU A 274 10.39 -8.92 17.53
N PRO A 275 10.83 -9.70 18.55
CA PRO A 275 11.89 -10.69 18.39
C PRO A 275 11.58 -11.85 17.46
N ALA A 276 10.36 -11.87 16.90
CA ALA A 276 9.96 -12.88 15.94
C ALA A 276 10.56 -12.60 14.57
N ALA A 277 10.99 -11.36 14.34
CA ALA A 277 11.45 -10.87 13.06
C ALA A 277 12.94 -11.15 12.86
N ILE A 278 13.61 -11.58 13.93
CA ILE A 278 15.07 -11.68 13.96
C ILE A 278 15.55 -12.68 12.90
N ASP A 279 14.91 -13.85 12.85
CA ASP A 279 15.24 -14.91 11.91
C ASP A 279 15.45 -14.35 10.50
N LEU A 280 14.57 -13.43 10.08
CA LEU A 280 14.59 -12.90 8.73
C LEU A 280 15.85 -12.06 8.51
N VAL A 281 16.05 -11.03 9.36
CA VAL A 281 17.13 -10.08 9.17
C VAL A 281 18.48 -10.79 9.24
N MET A 282 18.46 -12.02 9.79
CA MET A 282 19.66 -12.83 9.89
C MET A 282 20.21 -13.12 8.49
N GLU A 283 19.30 -13.45 7.56
CA GLU A 283 19.73 -13.75 6.20
C GLU A 283 19.72 -12.49 5.33
N LEU A 284 19.15 -11.41 5.85
CA LEU A 284 19.00 -10.18 5.09
C LEU A 284 20.07 -9.18 5.55
N TYR A 286 23.47 -13.84 5.60
CA TYR A 286 23.40 -12.40 5.22
C TYR A 286 23.89 -12.25 3.78
N THR A 287 22.97 -12.10 2.85
CA THR A 287 23.33 -12.04 1.41
C THR A 287 24.07 -10.75 1.10
N THR A 288 23.78 -9.68 1.85
CA THR A 288 24.42 -8.38 1.58
C THR A 288 25.78 -8.33 2.26
N GLY A 289 26.06 -9.29 3.15
CA GLY A 289 27.40 -9.39 3.76
C GLY A 289 27.64 -8.42 4.91
N GLU A 290 26.60 -8.08 5.66
CA GLU A 290 26.75 -7.20 6.82
C GLU A 290 26.55 -8.03 8.09
N GLU A 291 26.86 -7.44 9.25
CA GLU A 291 26.87 -8.19 10.49
C GLU A 291 25.70 -7.74 11.36
N VAL A 292 24.88 -8.71 11.77
CA VAL A 292 23.69 -8.45 12.57
C VAL A 292 24.09 -8.39 14.05
N GLU A 293 23.47 -7.45 14.78
CA GLU A 293 23.63 -7.33 16.22
C GLU A 293 22.25 -7.25 16.86
N VAL A 294 21.96 -8.22 17.75
CA VAL A 294 20.71 -8.22 18.50
C VAL A 294 20.97 -7.57 19.85
N ARG A 295 19.93 -6.92 20.41
CA ARG A 295 20.00 -6.31 21.73
C ARG A 295 18.62 -6.34 22.41
N ASP A 296 18.21 -7.53 22.85
CA ASP A 296 16.83 -7.72 23.40
C ASP A 296 16.49 -6.78 24.54
N TYR A 297 15.31 -6.14 24.45
CA TYR A 297 14.81 -5.30 25.58
C TYR A 297 13.63 -6.06 26.16
N LYS A 298 13.06 -5.59 27.27
CA LYS A 298 11.98 -6.39 27.91
C LYS A 298 10.85 -5.48 28.40
N ARG A 299 9.71 -6.07 28.80
CA ARG A 299 8.55 -5.28 29.27
C ARG A 299 8.81 -4.86 30.72
N LEU A 300 8.90 -3.55 30.97
CA LEU A 300 9.16 -3.03 32.34
C LEU A 300 8.22 -3.72 33.33
N THR A 301 6.93 -3.86 32.99
CA THR A 301 5.98 -4.57 33.88
C THR A 301 5.00 -5.39 33.03
N PRO A 302 4.70 -6.69 33.32
CA PRO A 302 3.72 -7.42 32.49
C PRO A 302 2.28 -7.45 33.06
N ILE A 303 1.31 -7.86 32.23
CA ILE A 303 -0.10 -7.98 32.70
C ILE A 303 -0.82 -8.99 31.79
N SER A 304 -1.92 -9.58 32.28
CA SER A 304 -2.69 -10.56 31.47
C SER A 304 -3.74 -9.82 30.63
N ASN A 315 -14.72 -3.55 34.97
CA ASN A 315 -13.85 -2.68 35.81
C ASN A 315 -13.77 -1.29 35.18
N LEU A 316 -13.57 -0.25 36.00
CA LEU A 316 -13.43 1.13 35.47
C LEU A 316 -12.37 1.88 36.28
N ARG A 317 -11.28 1.18 36.66
CA ARG A 317 -10.17 1.87 37.38
C ARG A 317 -9.67 3.04 36.51
N PRO A 318 -9.75 4.35 36.87
CA PRO A 318 -9.37 5.43 35.95
C PRO A 318 -8.14 5.19 35.06
N ASP A 320 -7.98 2.73 33.06
CA ASP A 320 -8.73 1.66 32.36
C ASP A 320 -8.82 2.02 30.87
N CYS A 321 -8.93 0.99 30.02
CA CYS A 321 -8.95 1.15 28.59
C CYS A 321 -9.83 0.07 27.95
N ILE A 322 -10.89 0.50 27.28
CA ILE A 322 -11.75 -0.43 26.57
C ILE A 322 -11.37 -0.40 25.09
N VAL A 323 -11.20 -1.59 24.51
CA VAL A 323 -10.79 -1.74 23.11
C VAL A 323 -11.81 -2.63 22.39
N CYS A 324 -12.35 -2.09 21.29
CA CYS A 324 -13.32 -2.79 20.49
C CYS A 324 -12.71 -3.16 19.14
N PHE A 325 -13.57 -3.66 18.25
CA PHE A 325 -13.20 -3.98 16.89
C PHE A 325 -14.29 -3.48 15.95
N SER A 326 -15.39 -2.99 16.54
CA SER A 326 -16.51 -2.46 15.79
C SER A 326 -16.55 -0.95 15.93
N LYS A 327 -16.91 -0.26 14.84
CA LYS A 327 -17.20 1.16 14.94
C LYS A 327 -18.63 1.32 15.49
N ASN A 328 -19.34 0.19 15.56
CA ASN A 328 -20.65 0.13 16.18
C ASN A 328 -20.47 0.20 17.69
N ASP A 329 -19.45 -0.50 18.19
CA ASP A 329 -19.22 -0.63 19.63
C ASP A 329 -18.71 0.70 20.20
N ILE A 330 -17.92 1.43 19.41
CA ILE A 330 -17.43 2.72 19.85
C ILE A 330 -18.58 3.72 19.90
N TYR A 331 -19.53 3.58 18.98
CA TYR A 331 -20.72 4.41 18.97
C TYR A 331 -21.74 3.88 19.97
N SER A 332 -21.34 2.88 20.77
CA SER A 332 -22.19 2.27 21.77
C SER A 332 -21.65 2.52 23.19
N VAL A 333 -20.42 2.03 23.43
CA VAL A 333 -19.78 2.10 24.74
C VAL A 333 -19.80 3.55 25.24
N SER A 334 -19.66 4.51 24.33
CA SER A 334 -19.58 5.93 24.65
C SER A 334 -20.93 6.23 25.28
N ARG A 335 -21.99 5.60 24.78
CA ARG A 335 -23.33 5.78 25.34
C ARG A 335 -23.34 5.30 26.85
N GLN A 336 -22.99 4.01 26.99
CA GLN A 336 -22.76 3.41 28.30
C GLN A 336 -22.04 4.18 29.44
N ILE A 337 -20.96 4.85 29.04
CA ILE A 337 -20.19 5.72 29.91
C ILE A 337 -20.86 7.03 30.35
N GLU A 338 -21.51 7.72 29.41
CA GLU A 338 -22.16 8.99 29.71
C GLU A 338 -23.53 8.74 30.37
N ILE A 339 -23.96 7.47 30.38
CA ILE A 339 -25.15 7.04 31.10
C ILE A 339 -24.87 7.14 32.60
N ARG A 340 -23.74 6.59 33.04
CA ARG A 340 -23.33 6.67 34.43
C ARG A 340 -22.45 7.89 34.66
N GLY A 341 -22.76 8.99 33.94
CA GLY A 341 -22.27 10.31 34.26
C GLY A 341 -20.86 10.61 33.75
N LEU A 342 -19.96 9.62 33.91
CA LEU A 342 -18.54 9.81 33.67
C LEU A 342 -18.28 9.99 32.17
N GLU A 343 -17.08 10.50 31.85
CA GLU A 343 -16.79 11.08 30.54
C GLU A 343 -15.66 10.30 29.88
N SER A 344 -15.88 9.89 28.61
CA SER A 344 -14.98 9.02 27.88
C SER A 344 -14.25 9.77 26.78
N ALA A 345 -13.03 9.31 26.47
CA ALA A 345 -12.28 9.69 25.29
C ALA A 345 -12.63 8.72 24.16
N VAL A 346 -12.25 9.08 22.92
CA VAL A 346 -12.46 8.21 21.76
C VAL A 346 -11.30 8.39 20.78
N ILE A 347 -10.74 7.26 20.31
CA ILE A 347 -9.72 7.26 19.27
C ILE A 347 -10.08 6.19 18.24
N TYR A 348 -10.72 6.61 17.14
CA TYR A 348 -10.82 5.76 15.95
C TYR A 348 -9.83 6.25 14.90
N GLY A 349 -9.30 5.32 14.11
CA GLY A 349 -8.24 5.59 13.14
C GLY A 349 -8.65 6.61 12.08
N SER A 350 -9.98 6.83 11.94
CA SER A 350 -10.52 7.74 10.94
C SER A 350 -10.48 9.18 11.45
N LEU A 351 -10.08 9.36 12.71
CA LEU A 351 -10.04 10.68 13.32
C LEU A 351 -8.85 11.45 12.74
N PRO A 352 -9.08 12.66 12.20
CA PRO A 352 -7.98 13.53 11.75
C PRO A 352 -6.83 13.54 12.74
N PRO A 353 -5.58 13.77 12.29
CA PRO A 353 -4.39 13.68 13.15
C PRO A 353 -4.40 14.64 14.35
N GLY A 354 -5.04 15.80 14.19
CA GLY A 354 -5.29 16.72 15.30
C GLY A 354 -6.15 16.08 16.38
N THR A 355 -7.42 15.80 16.04
CA THR A 355 -8.42 15.31 16.96
C THR A 355 -8.00 13.98 17.59
N LYS A 356 -6.96 13.36 17.02
CA LYS A 356 -6.41 12.15 17.60
C LYS A 356 -5.57 12.55 18.81
N LEU A 357 -4.74 13.58 18.62
CA LEU A 357 -3.79 14.07 19.62
C LEU A 357 -4.56 14.68 20.78
N ALA A 358 -5.44 15.65 20.45
CA ALA A 358 -6.19 16.42 21.43
C ALA A 358 -7.15 15.52 22.22
N GLN A 359 -7.35 14.28 21.77
CA GLN A 359 -8.21 13.33 22.48
C GLN A 359 -7.34 12.30 23.19
N ALA A 360 -6.04 12.28 22.88
CA ALA A 360 -5.11 11.39 23.56
C ALA A 360 -4.43 12.14 24.70
N LYS A 361 -4.20 13.44 24.49
CA LYS A 361 -3.51 14.32 25.41
C LYS A 361 -4.42 14.62 26.60
N LYS A 362 -5.73 14.76 26.33
CA LYS A 362 -6.74 15.02 27.33
C LYS A 362 -6.94 13.82 28.25
N PHE A 363 -6.45 12.65 27.80
CA PHE A 363 -6.49 11.44 28.61
C PHE A 363 -5.16 11.28 29.33
N ASN A 364 -4.14 12.01 28.86
CA ASN A 364 -2.79 11.98 29.42
C ASN A 364 -2.60 13.18 30.34
N ASN A 367 -6.13 17.30 35.50
CA ASN A 367 -6.41 18.29 34.42
C ASN A 367 -7.84 18.11 33.91
N ASP A 368 -8.34 16.87 33.96
CA ASP A 368 -9.61 16.49 33.37
C ASP A 368 -10.08 15.19 34.04
N PRO A 369 -11.35 15.08 34.49
CA PRO A 369 -11.87 13.84 35.07
C PRO A 369 -12.08 12.80 33.97
N LEU A 373 -10.61 3.62 27.07
CA LEU A 373 -10.11 4.75 26.25
C LEU A 373 -11.07 4.84 25.08
N VAL A 374 -11.86 3.80 24.88
CA VAL A 374 -12.75 3.74 23.68
C VAL A 374 -11.94 4.08 22.44
N THR A 376 -10.99 1.71 19.39
CA THR A 376 -10.97 0.37 18.76
C THR A 376 -9.75 0.26 17.87
N ASP A 377 -9.42 1.36 17.23
CA ASP A 377 -8.29 1.33 16.28
C ASP A 377 -7.10 0.73 17.00
N ALA A 378 -6.45 -0.22 16.37
CA ALA A 378 -5.21 -0.75 16.96
C ALA A 378 -4.43 0.42 17.50
N ILE A 379 -4.12 0.40 18.80
CA ILE A 379 -3.42 1.56 19.41
C ILE A 379 -1.94 1.41 19.06
N GLY A 380 -1.57 0.24 18.56
CA GLY A 380 -0.19 0.07 18.08
C GLY A 380 0.01 0.91 16.84
N LEU A 383 0.15 6.81 19.61
CA LEU A 383 1.29 7.66 20.06
C LEU A 383 1.47 7.47 21.56
N ASN A 384 2.24 8.34 22.20
CA ASN A 384 2.44 8.27 23.67
C ASN A 384 1.08 8.25 24.35
N LEU A 385 0.68 7.10 24.92
CA LEU A 385 -0.63 6.99 25.62
C LEU A 385 -0.41 6.21 26.92
N SER A 386 -0.46 6.89 28.07
CA SER A 386 -0.17 6.23 29.36
C SER A 386 -1.41 5.52 29.90
N ILE A 387 -1.42 4.19 29.83
CA ILE A 387 -2.55 3.39 30.38
C ILE A 387 -2.08 1.94 30.54
N ILE A 391 -9.52 -3.39 28.15
CA ILE A 391 -10.36 -4.59 28.18
C ILE A 391 -10.85 -4.73 26.75
N PHE A 392 -10.84 -5.97 26.24
CA PHE A 392 -11.38 -6.27 24.93
C PHE A 392 -12.89 -6.49 25.07
N TYR A 393 -13.67 -5.63 24.41
CA TYR A 393 -15.10 -5.80 24.37
C TYR A 393 -15.44 -6.98 23.44
N SER A 394 -14.60 -7.19 22.41
CA SER A 394 -14.72 -8.34 21.53
C SER A 394 -13.34 -8.90 21.18
N LEU A 395 -13.31 -10.19 20.87
CA LEU A 395 -12.08 -10.88 20.50
C LEU A 395 -12.13 -11.27 19.03
N ILE A 396 -13.15 -10.79 18.32
CA ILE A 396 -13.40 -11.17 16.93
C ILE A 396 -13.11 -9.98 15.99
N PRO A 410 -11.92 -14.66 14.63
CA PRO A 410 -11.39 -14.55 15.98
C PRO A 410 -10.36 -13.42 16.04
N ILE A 411 -9.25 -13.65 16.76
CA ILE A 411 -8.23 -12.57 16.92
C ILE A 411 -6.93 -12.97 16.22
N THR A 412 -6.08 -12.01 15.87
CA THR A 412 -4.85 -12.31 15.08
C THR A 412 -3.77 -12.91 15.98
N THR A 413 -4.05 -13.04 17.28
CA THR A 413 -3.04 -13.56 18.24
C THR A 413 -1.73 -12.79 18.08
N SER A 414 -1.80 -11.50 17.78
CA SER A 414 -0.59 -10.65 17.63
C SER A 414 -0.89 -9.29 18.24
N GLN A 415 -2.09 -9.15 18.83
CA GLN A 415 -2.49 -7.88 19.49
C GLN A 415 -1.74 -7.76 20.83
N ALA A 416 -1.30 -6.55 21.16
CA ALA A 416 -0.52 -6.35 22.40
C ALA A 416 -1.31 -5.47 23.38
N LEU A 417 -0.62 -4.91 24.38
CA LEU A 417 -1.31 -4.08 25.40
C LEU A 417 -0.38 -2.91 25.77
N GLU A 434 -5.82 -7.16 32.96
CA GLU A 434 -5.82 -5.71 33.31
C GLU A 434 -6.67 -5.76 32.04
N VAL A 435 -6.06 -6.14 30.91
CA VAL A 435 -6.82 -6.27 29.63
C VAL A 435 -7.72 -7.50 29.73
N THR A 436 -9.00 -7.31 30.06
CA THR A 436 -9.93 -8.46 30.24
C THR A 436 -10.64 -8.77 28.93
N THR A 437 -11.62 -9.68 28.96
CA THR A 437 -12.33 -10.09 27.71
C THR A 437 -13.82 -9.77 27.85
N MET A 438 -14.15 -8.65 28.50
CA MET A 438 -15.58 -8.27 28.70
C MET A 438 -15.80 -6.88 28.09
N ILE A 449 -5.42 -15.00 25.25
CA ILE A 449 -4.86 -14.08 24.22
C ILE A 449 -3.49 -14.65 23.83
N LEU A 450 -2.58 -14.77 24.79
CA LEU A 450 -1.22 -15.29 24.51
C LEU A 450 -1.42 -16.80 24.54
N LYS A 451 -2.68 -17.24 24.43
CA LYS A 451 -2.98 -18.69 24.42
C LYS A 451 -1.91 -19.55 23.61
N ARG A 452 -1.75 -19.05 22.36
CA ARG A 452 -0.70 -19.64 21.50
C ARG A 452 0.61 -18.89 21.24
N PRO A 453 1.74 -19.59 20.96
CA PRO A 453 3.00 -18.92 20.66
C PRO A 453 3.00 -18.22 19.29
N VAL A 454 3.85 -17.20 19.14
CA VAL A 454 3.88 -16.44 17.85
C VAL A 454 4.71 -17.24 16.85
N ASP A 455 4.14 -17.55 15.69
CA ASP A 455 4.90 -18.25 14.62
C ASP A 455 6.03 -17.33 14.12
N PRO A 456 7.35 -17.69 14.12
CA PRO A 456 8.35 -16.78 13.56
C PRO A 456 8.06 -16.38 12.12
N ILE A 457 8.64 -15.25 11.70
CA ILE A 457 8.35 -14.66 10.40
C ILE A 457 9.25 -15.31 9.35
N ARG A 458 8.70 -15.44 8.13
CA ARG A 458 9.27 -16.28 7.10
C ARG A 458 9.95 -15.45 6.01
N ALA A 459 9.21 -14.51 5.39
CA ALA A 459 9.68 -13.81 4.21
C ALA A 459 9.34 -12.32 4.26
N ALA A 460 10.26 -11.50 3.77
CA ALA A 460 10.04 -10.06 3.57
C ALA A 460 9.28 -9.79 2.27
N GLY A 461 9.04 -8.52 1.99
CA GLY A 461 8.07 -8.17 0.96
C GLY A 461 8.65 -7.31 -0.14
N LEU A 462 8.30 -7.66 -1.40
CA LEU A 462 8.57 -6.87 -2.59
C LEU A 462 7.25 -6.59 -3.29
N HIS A 463 7.25 -5.61 -4.20
CA HIS A 463 6.07 -5.27 -4.98
C HIS A 463 6.47 -4.87 -6.40
N PRO A 464 5.55 -4.93 -7.39
CA PRO A 464 5.83 -4.42 -8.74
C PRO A 464 6.19 -2.95 -8.74
N THR A 465 7.22 -2.59 -9.50
CA THR A 465 7.54 -1.18 -9.68
C THR A 465 6.66 -0.61 -10.81
N ALA A 466 6.61 0.73 -10.88
CA ALA A 466 6.05 1.42 -12.02
C ALA A 466 6.67 0.88 -13.31
N GLU A 467 8.02 1.00 -13.41
CA GLU A 467 8.80 0.81 -14.63
C GLU A 467 8.68 -0.62 -15.15
N GLN A 468 8.56 -1.57 -14.22
CA GLN A 468 8.31 -2.94 -14.59
C GLN A 468 7.02 -3.03 -15.39
N ILE A 469 6.02 -2.27 -14.93
CA ILE A 469 4.69 -2.37 -15.46
C ILE A 469 4.65 -1.61 -16.78
N GLU A 470 5.40 -0.49 -16.83
CA GLU A 470 5.52 0.28 -18.05
C GLU A 470 6.21 -0.54 -19.15
N MET A 471 6.98 -1.55 -18.75
CA MET A 471 7.59 -2.45 -19.71
C MET A 471 6.59 -3.54 -20.09
N PHE A 472 5.84 -4.04 -19.09
CA PHE A 472 4.80 -5.04 -19.33
C PHE A 472 3.72 -4.46 -20.23
N ALA A 473 3.54 -3.14 -20.14
CA ALA A 473 2.63 -2.42 -21.01
C ALA A 473 3.08 -2.45 -22.47
N TYR A 474 4.40 -2.31 -22.72
CA TYR A 474 4.91 -2.27 -24.08
C TYR A 474 4.77 -3.64 -24.77
N HIS A 475 4.81 -4.72 -23.97
CA HIS A 475 4.61 -6.06 -24.48
C HIS A 475 3.14 -6.36 -24.66
N LEU A 476 2.33 -6.06 -23.63
CA LEU A 476 0.93 -6.49 -23.58
C LEU A 476 0.02 -5.28 -23.63
N PRO A 477 0.02 -4.48 -24.72
CA PRO A 477 -0.42 -3.09 -24.63
C PRO A 477 -1.94 -2.97 -24.54
N ASP A 478 -2.62 -4.12 -24.59
CA ASP A 478 -4.06 -4.14 -24.70
C ASP A 478 -4.66 -4.51 -23.34
N ALA A 479 -3.88 -5.24 -22.54
CA ALA A 479 -4.19 -5.58 -21.16
C ALA A 479 -4.47 -4.33 -20.34
N THR A 480 -5.27 -4.49 -19.30
CA THR A 480 -5.54 -3.39 -18.37
C THR A 480 -4.43 -3.42 -17.31
N LEU A 481 -4.33 -2.32 -16.54
CA LEU A 481 -3.42 -2.31 -15.40
C LEU A 481 -3.74 -3.51 -14.49
N SER A 482 -4.98 -3.55 -13.99
CA SER A 482 -5.37 -4.58 -13.04
C SER A 482 -4.82 -5.92 -13.52
N ASN A 483 -5.00 -6.19 -14.82
CA ASN A 483 -4.62 -7.48 -15.39
C ASN A 483 -3.10 -7.57 -15.55
N LEU A 484 -2.47 -6.47 -15.98
CA LEU A 484 -1.01 -6.45 -16.10
C LEU A 484 -0.37 -6.87 -14.79
N ILE A 485 -0.89 -6.35 -13.66
CA ILE A 485 -0.24 -6.61 -12.39
C ILE A 485 -0.48 -8.09 -12.05
N ASP A 486 -1.61 -8.62 -12.51
CA ASP A 486 -1.92 -10.01 -12.25
C ASP A 486 -0.99 -10.88 -13.07
N ILE A 487 -0.74 -10.41 -14.29
CA ILE A 487 0.23 -11.04 -15.16
C ILE A 487 1.62 -10.89 -14.57
N PHE A 488 1.95 -9.71 -14.03
CA PHE A 488 3.27 -9.54 -13.47
C PHE A 488 3.46 -10.55 -12.34
N VAL A 489 2.46 -10.65 -11.46
CA VAL A 489 2.60 -11.39 -10.23
C VAL A 489 2.87 -12.85 -10.59
N ASP A 490 2.21 -13.30 -11.65
CA ASP A 490 2.28 -14.66 -12.17
C ASP A 490 3.71 -15.02 -12.56
N PHE A 491 4.31 -14.20 -13.42
CA PHE A 491 5.62 -14.51 -13.96
C PHE A 491 6.73 -14.21 -12.94
N SER A 492 6.38 -13.53 -11.85
CA SER A 492 7.35 -13.02 -10.88
C SER A 492 8.18 -14.16 -10.31
N GLN A 493 9.40 -13.81 -9.89
CA GLN A 493 10.41 -14.77 -9.46
C GLN A 493 10.98 -14.22 -8.16
N VAL A 494 10.62 -14.87 -7.06
CA VAL A 494 11.08 -14.36 -5.77
C VAL A 494 12.11 -15.35 -5.23
N ASP A 495 13.20 -14.83 -4.66
CA ASP A 495 14.05 -15.65 -3.82
C ASP A 495 13.27 -15.98 -2.55
N GLY A 496 13.65 -17.08 -1.88
CA GLY A 496 12.89 -17.74 -0.83
C GLY A 496 12.47 -16.86 0.35
N GLN A 497 13.27 -15.85 0.70
CA GLN A 497 13.02 -15.03 1.87
C GLN A 497 12.30 -13.73 1.48
N TYR A 498 11.49 -13.77 0.42
CA TYR A 498 10.70 -12.63 0.01
C TYR A 498 9.35 -13.11 -0.53
N PHE A 499 8.36 -12.21 -0.51
CA PHE A 499 7.03 -12.48 -1.05
C PHE A 499 6.55 -11.24 -1.81
N VAL A 500 5.64 -11.44 -2.76
CA VAL A 500 5.03 -10.33 -3.50
C VAL A 500 3.80 -9.83 -2.76
N CYS A 501 3.78 -8.51 -2.52
CA CYS A 501 2.71 -7.91 -1.77
C CYS A 501 1.39 -8.12 -2.48
N ASN A 502 0.29 -7.99 -1.73
CA ASN A 502 -1.06 -8.03 -2.25
C ASN A 502 -1.40 -6.65 -2.81
N MET A 503 -1.57 -6.56 -4.13
CA MET A 503 -1.74 -5.29 -4.80
C MET A 503 -3.23 -4.98 -4.98
N ASP A 504 -4.05 -5.51 -4.05
CA ASP A 504 -5.50 -5.53 -4.10
C ASP A 504 -6.09 -4.13 -4.18
N ASP A 505 -5.61 -3.22 -3.33
CA ASP A 505 -5.99 -1.82 -3.40
C ASP A 505 -5.49 -1.20 -4.72
N PHE A 506 -4.26 -1.54 -5.14
CA PHE A 506 -3.67 -0.97 -6.35
C PHE A 506 -4.61 -1.25 -7.51
N LYS A 507 -5.15 -2.48 -7.54
CA LYS A 507 -6.03 -2.94 -8.60
C LYS A 507 -7.33 -2.14 -8.56
N PHE A 508 -8.04 -2.21 -7.42
CA PHE A 508 -9.32 -1.54 -7.22
C PHE A 508 -9.24 -0.11 -7.73
N SER A 509 -8.23 0.65 -7.24
CA SER A 509 -8.01 2.02 -7.62
C SER A 509 -7.90 2.12 -9.14
N ALA A 510 -7.57 0.99 -9.79
CA ALA A 510 -7.35 0.95 -11.23
C ALA A 510 -8.63 0.57 -11.97
N GLU A 511 -9.41 -0.36 -11.40
CA GLU A 511 -10.73 -0.71 -11.90
C GLU A 511 -11.65 0.50 -11.79
N LEU A 512 -11.33 1.43 -10.89
CA LEU A 512 -12.13 2.62 -10.67
C LEU A 512 -11.85 3.71 -11.71
N ILE A 513 -10.58 3.89 -12.11
CA ILE A 513 -10.24 4.98 -13.03
C ILE A 513 -10.00 4.48 -14.47
N GLN A 514 -10.28 3.19 -14.74
CA GLN A 514 -10.06 2.52 -16.01
C GLN A 514 -10.55 3.28 -17.25
N HIS A 515 -11.61 4.08 -17.12
CA HIS A 515 -12.25 4.66 -18.28
C HIS A 515 -11.69 6.05 -18.56
N ILE A 516 -11.12 6.68 -17.53
CA ILE A 516 -10.45 7.96 -17.64
C ILE A 516 -9.20 7.77 -18.48
N PRO A 517 -9.03 8.52 -19.59
CA PRO A 517 -7.95 8.24 -20.54
C PRO A 517 -6.60 8.83 -20.11
N LEU A 518 -6.00 8.23 -19.06
CA LEU A 518 -4.68 8.59 -18.56
C LEU A 518 -3.62 7.73 -19.27
N SER A 519 -2.35 7.92 -18.85
CA SER A 519 -1.20 7.23 -19.40
C SER A 519 -0.56 6.37 -18.32
N LEU A 520 0.12 5.29 -18.74
CA LEU A 520 0.56 4.26 -17.81
C LEU A 520 1.13 4.89 -16.55
N ARG A 521 2.17 5.72 -16.71
CA ARG A 521 2.88 6.30 -15.59
C ARG A 521 1.90 6.94 -14.62
N VAL A 522 1.17 7.94 -15.11
CA VAL A 522 0.22 8.71 -14.32
C VAL A 522 -0.77 7.78 -13.64
N ARG A 523 -1.44 6.97 -14.46
CA ARG A 523 -2.35 5.94 -14.01
C ARG A 523 -1.69 5.08 -12.92
N TYR A 524 -0.37 4.85 -13.02
CA TYR A 524 0.34 4.04 -12.03
C TYR A 524 0.22 4.71 -10.66
N VAL A 525 0.50 6.03 -10.65
CA VAL A 525 0.63 6.84 -9.44
C VAL A 525 -0.76 7.02 -8.80
N PHE A 526 -1.75 7.42 -9.61
CA PHE A 526 -3.11 7.58 -9.13
C PHE A 526 -3.53 6.33 -8.35
N CYS A 527 -3.32 5.13 -8.90
CA CYS A 527 -3.81 3.95 -8.19
C CYS A 527 -2.84 3.50 -7.10
N THR A 528 -1.84 4.34 -6.81
CA THR A 528 -0.94 4.04 -5.72
C THR A 528 -1.23 5.01 -4.57
N ALA A 529 -2.24 5.87 -4.79
CA ALA A 529 -2.68 6.83 -3.78
C ALA A 529 -3.48 6.10 -2.72
N PRO A 530 -3.29 6.48 -1.45
CA PRO A 530 -3.88 5.75 -0.33
C PRO A 530 -5.33 6.22 -0.15
N ILE A 531 -6.27 5.32 -0.47
CA ILE A 531 -7.68 5.60 -0.31
C ILE A 531 -8.34 4.45 0.44
N ASN A 532 -9.47 4.79 1.07
CA ASN A 532 -10.38 3.82 1.67
C ASN A 532 -11.53 3.60 0.69
N LYS A 533 -11.61 2.37 0.17
CA LYS A 533 -12.60 1.94 -0.82
C LYS A 533 -14.00 2.19 -0.26
N LYS A 534 -14.16 1.82 1.01
CA LYS A 534 -15.43 1.79 1.71
C LYS A 534 -15.94 3.21 2.00
N GLN A 535 -15.27 4.23 1.44
CA GLN A 535 -15.72 5.61 1.55
C GLN A 535 -16.17 6.12 0.17
N PRO A 536 -17.49 6.11 -0.14
CA PRO A 536 -17.98 6.46 -1.48
C PRO A 536 -17.46 7.79 -2.02
N PHE A 537 -17.29 8.79 -1.14
CA PHE A 537 -16.98 10.13 -1.61
C PHE A 537 -15.53 10.21 -2.07
N VAL A 538 -14.66 9.41 -1.42
CA VAL A 538 -13.25 9.37 -1.76
C VAL A 538 -13.09 8.79 -3.17
N CYS A 539 -13.72 7.64 -3.42
CA CYS A 539 -13.69 7.03 -4.74
C CYS A 539 -14.24 8.01 -5.78
N SER A 540 -15.40 8.61 -5.48
CA SER A 540 -15.93 9.61 -6.37
C SER A 540 -14.85 10.62 -6.72
N SER A 541 -14.17 11.09 -5.66
CA SER A 541 -13.18 12.15 -5.74
C SER A 541 -11.97 11.70 -6.54
N LEU A 542 -11.55 10.43 -6.35
CA LEU A 542 -10.41 9.92 -7.11
C LEU A 542 -10.68 10.11 -8.60
N LEU A 543 -11.81 9.56 -9.06
CA LEU A 543 -12.28 9.74 -10.41
C LEU A 543 -12.21 11.21 -10.84
N GLN A 544 -12.58 12.13 -9.94
CA GLN A 544 -12.69 13.52 -10.33
C GLN A 544 -11.28 14.05 -10.60
N PHE A 545 -10.39 13.79 -9.64
CA PHE A 545 -9.00 14.23 -9.67
C PHE A 545 -8.32 13.66 -10.93
N ALA A 546 -8.65 12.40 -11.23
CA ALA A 546 -8.10 11.67 -12.37
C ALA A 546 -8.69 12.21 -13.68
N ARG A 547 -10.00 12.51 -13.65
CA ARG A 547 -10.70 12.94 -14.84
C ARG A 547 -10.16 14.29 -15.28
N GLN A 548 -9.95 15.22 -14.36
CA GLN A 548 -9.54 16.58 -14.76
C GLN A 548 -8.09 16.60 -15.20
N TYR A 549 -7.27 15.73 -14.63
CA TYR A 549 -5.87 15.64 -15.11
C TYR A 549 -5.94 15.31 -16.58
N SER A 550 -6.74 14.32 -16.93
CA SER A 550 -6.83 13.90 -18.35
C SER A 550 -7.26 15.09 -19.16
N ARG A 551 -8.18 15.88 -18.60
CA ARG A 551 -8.71 17.05 -19.32
C ARG A 551 -7.73 18.21 -19.14
N ASN A 552 -6.57 17.97 -18.55
CA ASN A 552 -5.59 19.04 -18.48
C ASN A 552 -6.27 20.25 -17.85
N GLU A 553 -6.93 20.00 -16.72
CA GLU A 553 -7.76 20.97 -16.02
C GLU A 553 -7.27 21.09 -14.59
N PRO A 554 -6.13 21.78 -14.34
CA PRO A 554 -5.55 21.87 -12.99
C PRO A 554 -6.55 22.18 -11.90
N LEU A 555 -6.46 21.44 -10.80
CA LEU A 555 -7.46 21.53 -9.75
C LEU A 555 -7.01 22.53 -8.70
N THR A 556 -7.58 23.74 -8.78
CA THR A 556 -7.19 24.86 -7.93
C THR A 556 -8.02 24.89 -6.64
N PHE A 557 -7.59 25.74 -5.71
CA PHE A 557 -8.25 25.94 -4.43
C PHE A 557 -9.70 26.35 -4.65
N ALA A 558 -9.97 27.07 -5.75
CA ALA A 558 -11.32 27.52 -6.05
C ALA A 558 -12.19 26.31 -6.34
N TRP A 559 -11.87 25.60 -7.44
CA TRP A 559 -12.51 24.36 -7.85
C TRP A 559 -12.75 23.45 -6.63
N LEU A 560 -11.70 23.27 -5.83
CA LEU A 560 -11.73 22.34 -4.71
C LEU A 560 -12.71 22.83 -3.65
N ARG A 561 -12.83 24.15 -3.50
CA ARG A 561 -13.67 24.75 -2.47
C ARG A 561 -15.14 24.44 -2.77
N ARG A 562 -15.54 24.64 -4.03
CA ARG A 562 -16.95 24.38 -4.44
C ARG A 562 -17.24 22.89 -4.34
N TYR A 563 -16.31 22.05 -4.82
CA TYR A 563 -16.53 20.59 -4.81
C TYR A 563 -16.84 20.11 -3.40
N ILE A 564 -15.99 20.47 -2.43
CA ILE A 564 -16.18 19.96 -1.05
C ILE A 564 -17.25 20.79 -0.34
N LYS A 565 -17.79 21.83 -1.01
CA LYS A 565 -18.77 22.74 -0.34
C LYS A 565 -18.33 23.36 0.98
N PRO A 567 -15.89 25.54 5.44
CA PRO A 567 -17.13 26.15 4.96
C PRO A 567 -18.14 24.98 4.92
N LEU A 568 -17.94 24.02 5.83
CA LEU A 568 -18.81 22.82 5.87
C LEU A 568 -19.66 23.27 7.06
N LEU A 569 -20.74 22.55 7.35
CA LEU A 569 -21.63 22.91 8.49
C LEU A 569 -21.21 22.11 9.71
N PRO A 570 -21.29 22.66 10.94
CA PRO A 570 -21.00 21.89 12.14
C PRO A 570 -21.81 20.58 12.15
N PRO A 571 -21.22 19.44 12.54
CA PRO A 571 -21.93 18.15 12.50
C PRO A 571 -23.13 18.02 13.45
N LYS A 572 -24.01 17.03 13.22
CA LYS A 572 -25.18 16.89 14.06
C LYS A 572 -25.27 15.48 14.63
N ASN A 573 -25.15 14.49 13.72
CA ASN A 573 -25.25 13.05 14.06
C ASN A 573 -24.07 12.34 13.42
N ILE A 574 -24.00 11.02 13.57
CA ILE A 574 -22.76 10.37 13.05
C ILE A 574 -22.92 9.98 11.59
N LYS A 575 -23.15 10.96 10.74
CA LYS A 575 -23.12 10.68 9.29
C LYS A 575 -22.39 11.91 8.83
N ASP A 576 -22.71 12.99 9.51
CA ASP A 576 -22.08 14.26 9.14
C ASP A 576 -20.62 14.11 9.44
N LEU A 577 -20.31 13.50 10.58
CA LEU A 577 -18.91 13.36 10.97
C LEU A 577 -18.26 12.48 9.92
N MET A 578 -18.97 11.43 9.53
CA MET A 578 -18.36 10.49 8.59
C MET A 578 -18.08 11.25 7.31
N ASP A 579 -19.05 12.03 6.87
CA ASP A 579 -18.89 12.80 5.63
C ASP A 579 -17.71 13.71 5.81
N LEU A 580 -17.66 14.45 6.91
CA LEU A 580 -16.57 15.41 7.13
C LEU A 580 -15.23 14.68 7.03
N GLU A 581 -15.14 13.52 7.67
CA GLU A 581 -13.85 12.80 7.68
C GLU A 581 -13.50 12.39 6.26
N ALA A 582 -14.48 11.99 5.46
CA ALA A 582 -14.23 11.70 4.07
C ALA A 582 -13.80 12.96 3.34
N VAL A 583 -14.39 14.10 3.71
CA VAL A 583 -14.03 15.39 3.13
C VAL A 583 -12.60 15.71 3.56
N HIS A 584 -12.22 15.19 4.74
CA HIS A 584 -10.84 15.30 5.18
C HIS A 584 -9.94 14.49 4.25
N ASP A 585 -10.26 13.20 4.15
CA ASP A 585 -9.60 12.24 3.29
C ASP A 585 -9.42 12.83 1.90
N VAL A 586 -10.52 13.33 1.30
CA VAL A 586 -10.46 13.85 -0.05
C VAL A 586 -9.34 14.89 -0.12
N LEU A 587 -9.20 15.70 0.92
CA LEU A 587 -8.21 16.77 0.93
C LEU A 587 -6.79 16.18 1.02
N ASP A 588 -6.62 15.13 1.84
CA ASP A 588 -5.37 14.42 1.97
C ASP A 588 -4.96 13.82 0.62
N LEU A 589 -5.93 13.26 -0.11
CA LEU A 589 -5.68 12.73 -1.45
C LEU A 589 -5.12 13.84 -2.33
N TYR A 590 -5.69 15.04 -2.21
CA TYR A 590 -5.26 16.14 -3.07
C TYR A 590 -3.83 16.51 -2.73
N LEU A 591 -3.53 16.37 -1.46
CA LEU A 591 -2.16 16.69 -1.05
C LEU A 591 -1.27 15.57 -1.51
N TRP A 592 -1.68 14.32 -1.30
CA TRP A 592 -0.75 13.21 -1.62
C TRP A 592 -0.26 13.40 -3.03
N LEU A 593 -1.17 13.71 -3.93
CA LEU A 593 -0.79 13.80 -5.36
C LEU A 593 -0.08 15.11 -5.59
N SER A 594 -0.32 16.08 -4.73
CA SER A 594 0.24 17.44 -4.96
C SER A 594 1.74 17.34 -5.09
N TYR A 595 2.33 16.30 -4.54
CA TYR A 595 3.80 16.21 -4.55
C TYR A 595 4.28 15.37 -5.73
N ARG A 596 3.35 14.84 -6.51
CA ARG A 596 3.72 13.97 -7.65
C ARG A 596 3.30 14.72 -8.89
N PHE A 597 2.01 14.96 -9.02
CA PHE A 597 1.54 15.82 -10.13
C PHE A 597 1.21 17.16 -9.47
N MET A 598 1.97 18.21 -9.74
CA MET A 598 1.75 19.49 -9.02
C MET A 598 1.21 20.56 -9.96
N ASP A 599 1.37 20.38 -11.25
CA ASP A 599 0.89 21.34 -12.24
C ASP A 599 -0.64 21.46 -12.15
N PHE A 601 -2.60 20.21 -9.69
CA PHE A 601 -2.82 20.30 -8.22
C PHE A 601 -2.01 21.45 -7.61
N PRO A 602 -2.08 22.69 -8.15
CA PRO A 602 -1.15 23.76 -7.78
C PRO A 602 -1.28 24.38 -6.39
N ASP A 603 -2.50 24.41 -5.84
CA ASP A 603 -2.80 25.16 -4.62
C ASP A 603 -2.67 24.27 -3.39
N ALA A 604 -1.54 23.55 -3.30
CA ALA A 604 -1.32 22.56 -2.27
C ALA A 604 -1.38 23.19 -0.88
N SER A 605 -0.52 24.19 -0.64
CA SER A 605 -0.40 24.86 0.64
C SER A 605 -1.75 25.42 1.10
N LEU A 606 -2.53 25.96 0.15
CA LEU A 606 -3.80 26.60 0.43
C LEU A 606 -4.78 25.57 0.99
N ILE A 607 -4.82 24.37 0.37
CA ILE A 607 -5.74 23.33 0.78
C ILE A 607 -5.41 22.90 2.22
N ARG A 608 -4.12 22.82 2.54
CA ARG A 608 -3.72 22.38 3.88
C ARG A 608 -4.37 23.30 4.92
N ASP A 609 -4.54 24.58 4.55
CA ASP A 609 -5.15 25.57 5.41
C ASP A 609 -6.65 25.31 5.52
N LEU A 610 -7.29 25.09 4.36
CA LEU A 610 -8.69 24.74 4.27
C LEU A 610 -8.95 23.45 5.05
N GLN A 611 -7.94 22.57 5.06
CA GLN A 611 -8.02 21.31 5.76
C GLN A 611 -7.92 21.53 7.26
N LYS A 612 -7.15 22.56 7.64
CA LYS A 612 -6.72 22.73 9.02
C LYS A 612 -7.88 23.22 9.86
N GLU A 613 -8.77 24.02 9.27
CA GLU A 613 -9.97 24.46 10.02
C GLU A 613 -10.87 23.26 10.19
N LEU A 614 -11.10 22.54 9.10
CA LEU A 614 -11.98 21.36 9.14
C LEU A 614 -11.55 20.46 10.28
N ASP A 615 -10.26 20.27 10.44
CA ASP A 615 -9.75 19.37 11.50
C ASP A 615 -10.43 19.78 12.80
N GLY A 616 -10.51 21.08 13.05
CA GLY A 616 -11.16 21.55 14.28
C GLY A 616 -12.66 21.44 14.18
N ILE A 617 -13.24 21.87 13.06
CA ILE A 617 -14.68 21.71 12.87
C ILE A 617 -15.06 20.27 13.21
N ILE A 618 -14.10 19.35 13.04
CA ILE A 618 -14.28 17.95 13.35
C ILE A 618 -14.11 17.75 14.86
N GLN A 619 -13.01 18.28 15.40
CA GLN A 619 -12.71 18.12 16.82
C GLN A 619 -13.89 18.62 17.66
N ASP A 620 -14.39 19.82 17.33
CA ASP A 620 -15.60 20.39 17.91
C ASP A 620 -16.61 19.28 18.15
N GLY A 621 -17.00 18.61 17.06
CA GLY A 621 -18.04 17.59 17.09
C GLY A 621 -17.62 16.32 17.82
N VAL A 622 -16.30 16.13 18.01
CA VAL A 622 -15.79 14.86 18.50
C VAL A 622 -15.85 14.80 20.02
N HIS A 623 -15.60 15.94 20.67
CA HIS A 623 -15.73 16.07 22.11
C HIS A 623 -17.21 15.90 22.49
N ASN A 624 -18.10 16.48 21.66
CA ASN A 624 -19.51 16.63 21.96
C ASN A 624 -20.32 15.41 21.53
N ILE A 625 -19.67 14.23 21.44
CA ILE A 625 -20.40 13.02 21.10
C ILE A 625 -20.97 12.41 22.38
N LEU A 628 -23.02 13.20 19.65
CA LEU A 628 -23.77 13.01 18.38
C LEU A 628 -24.23 11.56 18.31
N ILE A 629 -23.69 10.74 19.22
CA ILE A 629 -23.87 9.30 19.22
C ILE A 629 -25.32 8.94 19.56
N LYS A 630 -26.12 9.95 19.94
CA LYS A 630 -27.51 9.74 20.29
C LYS A 630 -28.42 10.69 19.49
N SER A 632 -28.75 10.59 16.40
CA SER A 632 -28.46 9.24 15.82
C SER A 632 -29.41 8.19 16.40
N GLU A 633 -29.27 7.91 17.70
CA GLU A 633 -30.09 6.91 18.36
C GLU A 633 -31.50 7.49 18.56
N THR A 634 -31.58 8.71 19.09
CA THR A 634 -32.84 9.42 19.28
C THR A 634 -33.50 9.66 17.93
N HIS A 635 -32.70 10.08 16.95
CA HIS A 635 -33.17 10.32 15.59
C HIS A 635 -32.36 9.46 14.61
#